data_8YQH
#
_entry.id   8YQH
#
_cell.length_a   115.846
_cell.length_b   133.368
_cell.length_c   105.798
_cell.angle_alpha   90.00
_cell.angle_beta   90.00
_cell.angle_gamma   90.00
#
_symmetry.space_group_name_H-M   'C 2 2 21'
#
loop_
_entity.id
_entity.type
_entity.pdbx_description
1 polymer 'Cry3Aa protein'
2 water water
#
_entity_poly.entity_id   1
_entity_poly.type   'polypeptide(L)'
_entity_poly.pdbx_seq_one_letter_code
;MNPNNRSEHDTIKTTENNEVPTNHVQYPLAETPNPTLEDLNYKEFLRMTADNNTEALDSSTTKDVIQKGISVVGDLLGVV
GFPFGGALVSFYTNFLNTIWPSEDPWKAFMEQVEALMDQKIADYAKNKALAELQGLQNNVEDYVSALSSWQKNPVSSRNP
HSQGRIRELFSQAESHFRNSMPSFAISGYEVLFLTTYAQAANTHLFLLKDAQIYGEEWGYEKEDIAEFYKRQLKLTQEYT
DHCVKWYNVGLDKLRGSSYESWVNFNRYRREMTLTVLDLIALFPLYDVRLYPKEVKTELTRDVLTDPIVGVNNLRGYGTT
FSNIENYIRKPHLFDYLHRIQFHTRFQPGYYGNDSFNYWSGNYVSTRPSIGSNDIITSPFYGNKSSEPVQNLEFNGEKVY
RAVANTNLAVWPSAVYSGVTKVEFSQYNDQTDEASTQTYDSKRNVGAVSWDSIDQLPPETTDEPLEKGYSHQLNYVMCFL
MQGSRGTIPVLTWTHKSVDFFNMIDSKKITQLPLVKAYKLQSGASVVAGPRFTGGDIIQCTENGSAATIYVTPDVSYSQK
YRARIHYASTSQITFTLSLDGAPFNQYYFDKTINKGDTLTYNSFNLASFSTPFELSGNNLQIGVTGLSAGDKVYIDKIEF
IPVN
;
_entity_poly.pdbx_strand_id   A
#
# COMPACT_ATOMS: atom_id res chain seq x y z
N THR A 61 8.08 14.97 9.45
CA THR A 61 6.79 15.61 9.22
C THR A 61 5.62 14.58 9.12
N THR A 62 4.67 14.72 10.06
CA THR A 62 3.52 13.84 10.28
C THR A 62 3.90 12.37 10.58
N LYS A 63 3.87 11.99 11.87
CA LYS A 63 3.88 10.60 12.33
C LYS A 63 2.65 10.28 13.17
N ASP A 64 1.72 11.22 13.31
CA ASP A 64 0.57 11.04 14.20
C ASP A 64 -0.55 10.28 13.49
N VAL A 65 -0.96 10.76 12.32
CA VAL A 65 -1.92 10.05 11.49
C VAL A 65 -1.22 8.95 10.67
N ILE A 66 0.01 9.21 10.22
CA ILE A 66 0.75 8.26 9.41
C ILE A 66 1.18 7.03 10.20
N GLN A 67 1.06 7.06 11.53
CA GLN A 67 1.22 5.87 12.38
C GLN A 67 -0.11 5.13 12.53
N LYS A 68 -1.15 5.84 12.96
CA LYS A 68 -2.48 5.27 12.97
C LYS A 68 -2.88 4.78 11.58
N GLY A 69 -2.35 5.43 10.53
CA GLY A 69 -2.62 4.99 9.16
C GLY A 69 -1.98 3.65 8.79
N ILE A 70 -0.85 3.30 9.43
CA ILE A 70 -0.19 2.04 9.09
C ILE A 70 -0.54 0.94 10.10
N SER A 71 -0.81 1.33 11.35
CA SER A 71 -1.35 0.34 12.29
C SER A 71 -2.65 -0.26 11.77
N VAL A 72 -3.51 0.56 11.16
CA VAL A 72 -4.83 0.07 10.79
C VAL A 72 -4.73 -0.89 9.61
N VAL A 73 -3.89 -0.57 8.62
CA VAL A 73 -3.70 -1.49 7.49
C VAL A 73 -2.89 -2.72 7.93
N GLY A 74 -1.95 -2.54 8.86
CA GLY A 74 -1.22 -3.68 9.40
C GLY A 74 -2.06 -4.55 10.31
N ASP A 75 -3.01 -3.97 11.04
CA ASP A 75 -3.92 -4.75 11.89
C ASP A 75 -5.03 -5.43 11.07
N LEU A 76 -5.51 -4.76 10.01
CA LEU A 76 -6.63 -5.24 9.19
C LEU A 76 -6.27 -6.37 8.25
N LEU A 77 -4.98 -6.61 7.98
CA LEU A 77 -4.57 -7.69 7.08
C LEU A 77 -4.65 -9.08 7.71
N GLY A 78 -5.00 -9.17 9.00
CA GLY A 78 -5.21 -10.46 9.66
C GLY A 78 -6.66 -10.90 9.59
N VAL A 79 -7.55 -9.97 9.92
CA VAL A 79 -9.00 -10.21 10.01
C VAL A 79 -9.66 -9.81 8.70
N VAL A 80 -9.01 -10.15 7.59
CA VAL A 80 -9.42 -9.69 6.27
C VAL A 80 -9.87 -10.94 5.50
N GLY A 81 -11.15 -10.95 5.11
CA GLY A 81 -11.80 -12.17 4.65
C GLY A 81 -12.77 -12.60 5.74
N PHE A 82 -12.92 -13.91 5.99
CA PHE A 82 -13.70 -14.42 7.12
C PHE A 82 -12.77 -14.60 8.33
N PRO A 83 -12.75 -13.68 9.29
CA PRO A 83 -11.83 -13.83 10.43
C PRO A 83 -12.32 -14.88 11.42
N PHE A 84 -11.41 -15.80 11.80
CA PHE A 84 -11.75 -16.72 12.88
C PHE A 84 -12.18 -15.87 14.07
N GLY A 85 -13.49 -15.92 14.39
CA GLY A 85 -14.16 -14.99 15.29
C GLY A 85 -13.37 -14.45 16.48
N GLY A 86 -12.40 -15.22 16.98
CA GLY A 86 -11.56 -14.78 18.08
C GLY A 86 -10.63 -13.64 17.72
N ALA A 87 -10.16 -13.59 16.47
CA ALA A 87 -9.31 -12.50 16.00
C ALA A 87 -10.09 -11.24 15.64
N LEU A 88 -11.42 -11.34 15.43
CA LEU A 88 -12.23 -10.18 15.04
C LEU A 88 -12.47 -9.24 16.22
N VAL A 89 -12.32 -9.70 17.46
CA VAL A 89 -12.43 -8.85 18.64
C VAL A 89 -11.02 -8.51 19.13
N SER A 90 -10.05 -9.43 18.92
CA SER A 90 -8.64 -9.10 19.07
C SER A 90 -8.20 -7.99 18.12
N PHE A 91 -8.93 -7.78 17.03
CA PHE A 91 -8.73 -6.62 16.17
C PHE A 91 -9.43 -5.39 16.74
N TYR A 92 -10.76 -5.48 16.87
CA TYR A 92 -11.64 -4.31 17.09
C TYR A 92 -11.24 -3.50 18.32
N THR A 93 -10.61 -4.13 19.33
CA THR A 93 -10.14 -3.36 20.48
C THR A 93 -8.80 -2.67 20.22
N ASN A 94 -8.05 -3.08 19.18
CA ASN A 94 -6.96 -2.23 18.72
C ASN A 94 -7.50 -1.05 17.93
N PHE A 95 -8.54 -1.27 17.11
CA PHE A 95 -9.09 -0.24 16.22
C PHE A 95 -9.87 0.83 16.99
N LEU A 96 -10.38 0.49 18.18
CA LEU A 96 -11.00 1.49 19.06
C LEU A 96 -9.97 2.40 19.74
N ASN A 97 -8.73 1.95 19.91
CA ASN A 97 -7.71 2.85 20.45
C ASN A 97 -6.92 3.57 19.37
N THR A 98 -6.71 2.93 18.21
CA THR A 98 -6.02 3.57 17.10
C THR A 98 -6.86 4.72 16.52
N ILE A 99 -8.06 4.42 16.03
CA ILE A 99 -8.84 5.40 15.28
C ILE A 99 -10.04 5.97 16.08
N TRP A 100 -10.56 5.26 17.12
CA TRP A 100 -11.75 5.76 17.82
C TRP A 100 -11.65 5.98 19.34
N PRO A 101 -10.50 6.44 19.92
CA PRO A 101 -10.47 6.64 21.38
C PRO A 101 -11.10 7.94 21.84
N SER A 102 -10.95 9.00 21.03
CA SER A 102 -11.46 10.35 21.30
C SER A 102 -11.71 11.08 19.99
N GLU A 103 -11.60 12.43 19.97
CA GLU A 103 -11.60 13.16 18.71
C GLU A 103 -10.22 13.75 18.41
N ASP A 104 -9.17 13.31 19.13
CA ASP A 104 -7.76 13.62 18.87
C ASP A 104 -7.23 12.90 17.62
N PRO A 105 -7.65 11.65 17.33
CA PRO A 105 -7.25 11.05 16.04
C PRO A 105 -7.97 11.62 14.82
N TRP A 106 -9.11 12.29 14.99
CA TRP A 106 -9.91 12.81 13.88
C TRP A 106 -9.62 14.27 13.54
N LYS A 107 -9.18 15.08 14.52
CA LYS A 107 -8.70 16.43 14.25
C LYS A 107 -7.26 16.47 13.74
N ALA A 108 -6.56 15.32 13.76
CA ALA A 108 -5.24 15.21 13.14
C ALA A 108 -5.34 14.78 11.68
N PHE A 109 -6.26 13.86 11.36
CA PHE A 109 -6.49 13.46 9.97
C PHE A 109 -6.85 14.66 9.10
N MET A 110 -7.52 15.67 9.67
CA MET A 110 -7.84 16.87 8.92
C MET A 110 -6.59 17.71 8.68
N GLU A 111 -5.91 18.13 9.76
CA GLU A 111 -4.77 19.04 9.71
C GLU A 111 -3.55 18.46 9.01
N GLN A 112 -3.59 17.19 8.62
CA GLN A 112 -2.64 16.56 7.71
C GLN A 112 -2.95 16.83 6.24
N VAL A 113 -4.19 16.57 5.79
CA VAL A 113 -4.55 16.91 4.42
C VAL A 113 -4.46 18.41 4.21
N GLU A 114 -4.84 19.19 5.24
CA GLU A 114 -4.70 20.65 5.21
C GLU A 114 -3.26 21.09 4.96
N ALA A 115 -2.29 20.36 5.54
CA ALA A 115 -0.88 20.77 5.45
C ALA A 115 -0.32 20.53 4.05
N LEU A 116 -0.76 19.45 3.39
CA LEU A 116 -0.29 19.09 2.05
C LEU A 116 -0.89 19.97 0.97
N MET A 117 -1.98 20.68 1.28
CA MET A 117 -2.76 21.46 0.32
C MET A 117 -2.52 22.97 0.40
N ASP A 118 -2.12 23.49 1.57
CA ASP A 118 -2.02 24.93 1.86
C ASP A 118 -3.37 25.62 1.85
N GLN A 119 -4.48 24.87 1.83
CA GLN A 119 -5.83 25.43 1.98
C GLN A 119 -6.40 25.02 3.33
N LYS A 120 -7.45 25.73 3.74
CA LYS A 120 -8.14 25.51 5.00
C LYS A 120 -9.51 24.86 4.80
N ILE A 121 -9.89 24.00 5.76
CA ILE A 121 -11.30 23.74 6.03
C ILE A 121 -11.81 24.86 6.93
N ALA A 122 -12.96 25.43 6.56
CA ALA A 122 -13.56 26.49 7.37
C ALA A 122 -13.91 25.95 8.75
N ASP A 123 -14.44 26.81 9.62
CA ASP A 123 -14.77 26.40 10.98
C ASP A 123 -16.24 25.99 11.14
N TYR A 124 -17.14 26.43 10.24
CA TYR A 124 -18.52 25.95 10.27
C TYR A 124 -18.66 24.55 9.69
N ALA A 125 -17.55 23.92 9.29
CA ALA A 125 -17.51 22.59 8.70
C ALA A 125 -16.54 21.65 9.40
N LYS A 126 -15.36 22.14 9.79
CA LYS A 126 -14.40 21.38 10.59
C LYS A 126 -14.98 20.90 11.93
N ASN A 127 -16.11 21.45 12.37
CA ASN A 127 -16.75 20.99 13.61
C ASN A 127 -17.69 19.81 13.36
N LYS A 128 -18.76 20.04 12.60
CA LYS A 128 -19.72 18.96 12.32
C LYS A 128 -19.07 17.71 11.70
N ALA A 129 -17.80 17.78 11.31
CA ALA A 129 -17.06 16.56 11.00
C ALA A 129 -16.50 15.88 12.25
N LEU A 130 -16.34 16.62 13.35
CA LEU A 130 -15.89 16.03 14.60
C LEU A 130 -17.06 15.63 15.49
N ALA A 131 -18.14 16.42 15.45
CA ALA A 131 -19.38 16.09 16.16
C ALA A 131 -19.97 14.79 15.68
N GLU A 132 -19.67 14.40 14.45
CA GLU A 132 -20.14 13.12 13.95
C GLU A 132 -19.17 12.01 14.28
N LEU A 133 -17.87 12.26 14.21
CA LEU A 133 -16.92 11.22 14.58
C LEU A 133 -16.87 10.94 16.08
N GLN A 134 -17.39 11.85 16.91
CA GLN A 134 -17.82 11.46 18.24
C GLN A 134 -19.03 10.54 18.18
N GLY A 135 -20.08 10.97 17.46
CA GLY A 135 -21.27 10.14 17.34
C GLY A 135 -20.94 8.71 16.97
N LEU A 136 -19.92 8.54 16.15
CA LEU A 136 -19.56 7.23 15.65
C LEU A 136 -18.62 6.49 16.59
N GLN A 137 -17.91 7.21 17.46
CA GLN A 137 -17.10 6.55 18.48
C GLN A 137 -17.95 5.61 19.33
N ASN A 138 -19.01 6.15 19.93
CA ASN A 138 -19.76 5.44 20.96
C ASN A 138 -20.34 4.18 20.36
N ASN A 139 -21.34 4.37 19.50
CA ASN A 139 -21.85 3.38 18.58
C ASN A 139 -20.88 2.24 18.30
N VAL A 140 -19.71 2.54 17.71
CA VAL A 140 -18.75 1.51 17.38
C VAL A 140 -18.17 0.85 18.63
N GLU A 141 -17.83 1.65 19.65
CA GLU A 141 -17.40 1.10 20.93
C GLU A 141 -18.46 0.19 21.53
N ASP A 142 -19.66 0.74 21.77
CA ASP A 142 -20.78 -0.05 22.30
C ASP A 142 -21.03 -1.33 21.50
N TYR A 143 -20.98 -1.27 20.16
CA TYR A 143 -21.21 -2.51 19.42
C TYR A 143 -20.13 -3.54 19.74
N VAL A 144 -18.86 -3.10 19.81
CA VAL A 144 -17.75 -4.03 20.00
C VAL A 144 -17.77 -4.68 21.38
N SER A 145 -18.07 -3.88 22.42
CA SER A 145 -18.29 -4.46 23.73
C SER A 145 -19.33 -5.57 23.66
N ALA A 146 -20.53 -5.24 23.14
CA ALA A 146 -21.58 -6.22 22.96
C ALA A 146 -21.11 -7.44 22.16
N LEU A 147 -20.47 -7.22 21.01
CA LEU A 147 -20.02 -8.34 20.19
C LEU A 147 -19.01 -9.19 20.94
N SER A 148 -18.10 -8.55 21.69
CA SER A 148 -17.14 -9.32 22.47
C SER A 148 -17.84 -10.24 23.47
N SER A 149 -18.84 -9.72 24.18
CA SER A 149 -19.64 -10.54 25.07
C SER A 149 -20.28 -11.70 24.33
N TRP A 150 -20.90 -11.41 23.19
CA TRP A 150 -21.52 -12.43 22.35
C TRP A 150 -20.56 -13.57 22.05
N GLN A 151 -19.31 -13.23 21.72
CA GLN A 151 -18.29 -14.20 21.37
C GLN A 151 -17.93 -15.07 22.58
N LYS A 152 -17.69 -14.44 23.73
CA LYS A 152 -17.36 -15.17 24.95
C LYS A 152 -18.56 -15.97 25.46
N ASN A 153 -19.66 -15.27 25.83
CA ASN A 153 -20.89 -15.86 26.39
C ASN A 153 -21.23 -17.20 25.77
N PRO A 154 -21.20 -18.28 26.57
CA PRO A 154 -21.56 -19.59 26.04
C PRO A 154 -23.00 -19.62 25.55
N VAL A 155 -23.25 -20.49 24.57
CA VAL A 155 -24.50 -20.49 23.80
C VAL A 155 -25.68 -20.85 24.70
N SER A 156 -25.41 -21.14 25.98
CA SER A 156 -26.44 -21.13 27.00
C SER A 156 -26.74 -19.70 27.52
N SER A 157 -26.35 -18.66 26.76
CA SER A 157 -26.64 -17.27 27.06
C SER A 157 -27.57 -16.61 26.04
N ARG A 158 -27.79 -17.23 24.88
CA ARG A 158 -28.28 -16.52 23.71
C ARG A 158 -29.82 -16.49 23.67
N ASN A 159 -30.36 -15.89 24.72
CA ASN A 159 -31.79 -15.66 24.87
C ASN A 159 -32.28 -14.56 23.94
N PRO A 160 -33.60 -14.45 23.74
CA PRO A 160 -34.13 -13.31 22.95
C PRO A 160 -33.73 -11.93 23.48
N HIS A 161 -33.37 -11.80 24.76
CA HIS A 161 -33.12 -10.47 25.31
C HIS A 161 -31.84 -9.88 24.69
N SER A 162 -30.71 -10.58 24.85
CA SER A 162 -29.43 -10.11 24.32
C SER A 162 -29.38 -10.12 22.79
N GLN A 163 -30.16 -11.00 22.14
CA GLN A 163 -30.18 -11.02 20.68
C GLN A 163 -30.57 -9.66 20.14
N GLY A 164 -31.80 -9.23 20.43
CA GLY A 164 -32.25 -7.95 19.94
C GLY A 164 -31.53 -6.76 20.53
N ARG A 165 -30.64 -7.00 21.49
CA ARG A 165 -29.84 -5.93 22.04
C ARG A 165 -28.60 -5.71 21.16
N ILE A 166 -27.80 -6.75 20.90
CA ILE A 166 -26.75 -6.58 19.90
C ILE A 166 -27.35 -6.21 18.55
N ARG A 167 -28.48 -6.80 18.20
CA ARG A 167 -29.16 -6.38 16.98
C ARG A 167 -29.34 -4.88 16.95
N GLU A 168 -29.81 -4.28 18.06
CA GLU A 168 -30.05 -2.84 18.02
C GLU A 168 -28.74 -2.09 18.02
N LEU A 169 -27.73 -2.62 18.71
CA LEU A 169 -26.43 -1.96 18.71
C LEU A 169 -25.87 -1.92 17.30
N PHE A 170 -25.73 -3.07 16.65
CA PHE A 170 -25.30 -3.09 15.25
C PHE A 170 -26.15 -2.18 14.38
N SER A 171 -27.47 -2.22 14.55
CA SER A 171 -28.31 -1.36 13.72
C SER A 171 -28.05 0.10 14.01
N GLN A 172 -27.72 0.44 15.26
CA GLN A 172 -27.51 1.83 15.65
C GLN A 172 -26.34 2.36 14.84
N ALA A 173 -25.17 1.78 15.14
CA ALA A 173 -23.90 2.08 14.50
C ALA A 173 -24.03 2.17 12.99
N GLU A 174 -24.44 1.07 12.37
CA GLU A 174 -24.57 1.06 10.93
C GLU A 174 -25.48 2.21 10.48
N SER A 175 -26.63 2.39 11.14
CA SER A 175 -27.50 3.51 10.81
C SER A 175 -26.76 4.82 10.85
N HIS A 176 -25.95 5.02 11.90
CA HIS A 176 -25.32 6.30 12.11
C HIS A 176 -24.27 6.61 11.05
N PHE A 177 -23.49 5.60 10.65
CA PHE A 177 -22.56 5.80 9.55
C PHE A 177 -23.28 6.30 8.32
N ARG A 178 -24.44 5.73 8.05
CA ARG A 178 -25.12 6.09 6.83
C ARG A 178 -25.58 7.52 6.87
N ASN A 179 -25.96 8.02 8.06
CA ASN A 179 -26.32 9.43 8.22
C ASN A 179 -25.10 10.34 8.19
N SER A 180 -23.99 9.91 8.79
CA SER A 180 -22.82 10.76 8.90
C SER A 180 -22.20 11.05 7.55
N MET A 181 -22.01 10.02 6.72
CA MET A 181 -21.01 10.06 5.66
C MET A 181 -21.03 11.34 4.83
N PRO A 182 -22.16 11.84 4.28
CA PRO A 182 -22.08 13.06 3.47
C PRO A 182 -21.44 14.24 4.20
N SER A 183 -21.40 14.20 5.54
CA SER A 183 -20.68 15.22 6.29
C SER A 183 -19.20 15.23 5.94
N PHE A 184 -18.66 14.10 5.50
CA PHE A 184 -17.26 14.04 5.11
C PHE A 184 -17.09 14.21 3.62
N ALA A 185 -18.14 14.63 2.89
CA ALA A 185 -18.07 14.85 1.45
C ALA A 185 -18.64 16.19 1.04
N ILE A 186 -18.86 17.11 1.99
CA ILE A 186 -19.51 18.37 1.69
C ILE A 186 -18.76 19.10 0.56
N SER A 187 -19.53 19.68 -0.36
CA SER A 187 -18.96 20.26 -1.58
C SER A 187 -18.05 21.42 -1.22
N GLY A 188 -16.85 21.42 -1.81
CA GLY A 188 -15.83 22.41 -1.56
C GLY A 188 -14.68 21.93 -0.71
N TYR A 189 -14.90 20.93 0.15
CA TYR A 189 -13.85 20.47 1.05
C TYR A 189 -13.61 18.96 0.95
N GLU A 190 -14.01 18.35 -0.18
CA GLU A 190 -13.94 16.89 -0.28
C GLU A 190 -12.53 16.36 -0.13
N VAL A 191 -11.53 17.10 -0.61
CA VAL A 191 -10.14 16.65 -0.52
C VAL A 191 -9.65 16.71 0.91
N LEU A 192 -9.91 17.83 1.58
CA LEU A 192 -9.36 18.03 2.92
C LEU A 192 -9.91 16.97 3.88
N PHE A 193 -11.17 16.60 3.68
CA PHE A 193 -11.83 15.54 4.43
C PHE A 193 -11.41 14.13 4.03
N LEU A 194 -10.58 13.96 3.01
CA LEU A 194 -10.43 12.66 2.39
C LEU A 194 -10.08 11.56 3.40
N THR A 195 -9.06 11.79 4.23
CA THR A 195 -8.67 10.77 5.19
C THR A 195 -9.79 10.47 6.18
N THR A 196 -10.46 11.52 6.64
CA THR A 196 -11.60 11.31 7.52
C THR A 196 -12.65 10.45 6.83
N TYR A 197 -13.02 10.82 5.60
CA TYR A 197 -13.92 10.00 4.79
C TYR A 197 -13.41 8.56 4.67
N ALA A 198 -12.11 8.38 4.41
CA ALA A 198 -11.61 7.02 4.25
C ALA A 198 -11.76 6.21 5.53
N GLN A 199 -11.15 6.68 6.62
CA GLN A 199 -11.16 5.90 7.86
C GLN A 199 -12.59 5.58 8.30
N ALA A 200 -13.52 6.50 8.10
CA ALA A 200 -14.92 6.26 8.40
C ALA A 200 -15.50 5.15 7.50
N ALA A 201 -15.49 5.38 6.19
CA ALA A 201 -15.92 4.39 5.21
C ALA A 201 -15.40 3.00 5.56
N ASN A 202 -14.15 2.93 5.98
CA ASN A 202 -13.56 1.65 6.30
C ASN A 202 -14.17 1.05 7.57
N THR A 203 -14.47 1.88 8.56
CA THR A 203 -15.19 1.34 9.71
C THR A 203 -16.59 0.92 9.31
N HIS A 204 -17.23 1.65 8.40
CA HIS A 204 -18.61 1.30 8.03
C HIS A 204 -18.67 -0.06 7.31
N LEU A 205 -17.86 -0.25 6.28
CA LEU A 205 -17.83 -1.57 5.65
C LEU A 205 -17.49 -2.66 6.66
N PHE A 206 -16.33 -2.56 7.30
CA PHE A 206 -15.91 -3.57 8.28
C PHE A 206 -17.00 -3.85 9.30
N LEU A 207 -17.84 -2.85 9.58
CA LEU A 207 -18.99 -3.06 10.44
C LEU A 207 -20.04 -3.89 9.71
N LEU A 208 -20.40 -3.47 8.48
CA LEU A 208 -21.45 -4.12 7.71
C LEU A 208 -21.21 -5.61 7.52
N LYS A 209 -19.97 -6.03 7.29
CA LYS A 209 -19.80 -7.45 7.08
C LYS A 209 -20.27 -8.26 8.27
N ASP A 210 -20.26 -7.69 9.49
CA ASP A 210 -20.63 -8.51 10.64
C ASP A 210 -22.05 -9.02 10.52
N ALA A 211 -22.93 -8.25 9.88
CA ALA A 211 -24.28 -8.71 9.61
C ALA A 211 -24.28 -10.04 8.86
N GLN A 212 -23.40 -10.21 7.85
CA GLN A 212 -23.32 -11.52 7.19
C GLN A 212 -22.90 -12.62 8.16
N ILE A 213 -21.86 -12.37 8.96
CA ILE A 213 -21.34 -13.41 9.85
C ILE A 213 -22.39 -13.82 10.87
N TYR A 214 -22.87 -12.88 11.67
CA TYR A 214 -23.69 -13.22 12.83
C TYR A 214 -25.20 -12.98 12.63
N GLY A 215 -25.62 -12.35 11.54
CA GLY A 215 -27.03 -12.20 11.21
C GLY A 215 -28.02 -13.26 11.67
N GLU A 216 -27.84 -14.53 11.29
CA GLU A 216 -28.70 -15.60 11.80
C GLU A 216 -28.69 -15.66 13.33
N GLU A 217 -27.49 -15.78 13.92
CA GLU A 217 -27.37 -15.89 15.37
C GLU A 217 -28.16 -14.79 16.08
N TRP A 218 -28.02 -13.55 15.61
CA TRP A 218 -28.79 -12.44 16.18
C TRP A 218 -30.27 -12.47 15.83
N GLY A 219 -30.69 -13.32 14.90
CA GLY A 219 -32.10 -13.47 14.61
C GLY A 219 -32.64 -12.60 13.50
N TYR A 220 -31.78 -11.83 12.83
CA TYR A 220 -32.20 -11.15 11.61
C TYR A 220 -32.73 -12.14 10.58
N GLU A 221 -33.75 -11.74 9.83
CA GLU A 221 -34.31 -12.66 8.86
C GLU A 221 -33.45 -12.66 7.60
N LYS A 222 -33.63 -13.70 6.79
CA LYS A 222 -33.01 -13.82 5.47
C LYS A 222 -32.94 -12.47 4.74
N GLU A 223 -34.10 -11.82 4.56
CA GLU A 223 -34.18 -10.50 3.90
C GLU A 223 -33.27 -9.47 4.55
N ASP A 224 -33.44 -9.25 5.87
CA ASP A 224 -32.66 -8.28 6.62
C ASP A 224 -31.18 -8.37 6.25
N ILE A 225 -30.62 -9.57 6.42
CA ILE A 225 -29.25 -9.83 6.00
C ILE A 225 -29.04 -9.45 4.54
N ALA A 226 -29.88 -9.98 3.66
CA ALA A 226 -29.62 -9.76 2.24
C ALA A 226 -29.74 -8.29 1.86
N GLU A 227 -30.55 -7.53 2.58
CA GLU A 227 -30.58 -6.08 2.36
C GLU A 227 -29.29 -5.41 2.83
N PHE A 228 -28.71 -5.87 3.95
CA PHE A 228 -27.38 -5.40 4.31
C PHE A 228 -26.36 -5.78 3.25
N TYR A 229 -26.43 -7.00 2.70
CA TYR A 229 -25.44 -7.43 1.72
C TYR A 229 -25.42 -6.50 0.52
N LYS A 230 -26.61 -6.17 -0.02
CA LYS A 230 -26.64 -5.30 -1.18
C LYS A 230 -26.11 -3.92 -0.83
N ARG A 231 -26.27 -3.51 0.43
CA ARG A 231 -25.77 -2.20 0.78
C ARG A 231 -24.24 -2.22 0.84
N GLN A 232 -23.66 -3.26 1.46
CA GLN A 232 -22.21 -3.42 1.50
C GLN A 232 -21.64 -3.35 0.08
N LEU A 233 -22.24 -4.11 -0.85
CA LEU A 233 -21.80 -4.07 -2.24
C LEU A 233 -21.83 -2.64 -2.80
N LYS A 234 -22.98 -1.97 -2.74
CA LYS A 234 -23.05 -0.66 -3.39
C LYS A 234 -22.10 0.33 -2.73
N LEU A 235 -21.98 0.27 -1.40
CA LEU A 235 -21.11 1.21 -0.70
C LEU A 235 -19.64 0.89 -0.92
N THR A 236 -19.26 -0.39 -1.02
CA THR A 236 -17.89 -0.68 -1.41
C THR A 236 -17.53 -0.04 -2.73
N GLN A 237 -18.44 -0.07 -3.71
CA GLN A 237 -18.16 0.63 -4.97
C GLN A 237 -18.16 2.13 -4.76
N GLU A 238 -19.20 2.68 -4.11
CA GLU A 238 -19.30 4.14 -4.00
C GLU A 238 -18.19 4.71 -3.15
N TYR A 239 -17.92 4.12 -1.99
CA TYR A 239 -16.78 4.57 -1.18
C TYR A 239 -15.46 4.51 -1.94
N THR A 240 -15.13 3.39 -2.59
CA THR A 240 -13.87 3.34 -3.32
C THR A 240 -13.78 4.45 -4.37
N ASP A 241 -14.74 4.51 -5.28
CA ASP A 241 -14.68 5.43 -6.39
C ASP A 241 -14.57 6.87 -5.90
N HIS A 242 -15.22 7.19 -4.78
CA HIS A 242 -15.13 8.53 -4.24
C HIS A 242 -13.69 8.85 -3.88
N CYS A 243 -13.01 7.89 -3.24
CA CYS A 243 -11.68 8.12 -2.72
C CYS A 243 -10.68 8.31 -3.85
N VAL A 244 -10.77 7.50 -4.91
CA VAL A 244 -9.86 7.69 -6.03
C VAL A 244 -10.14 9.04 -6.69
N LYS A 245 -11.43 9.37 -6.89
CA LYS A 245 -11.75 10.61 -7.59
C LYS A 245 -11.09 11.78 -6.89
N TRP A 246 -11.28 11.88 -5.59
CA TRP A 246 -10.84 13.05 -4.86
C TRP A 246 -9.37 13.00 -4.51
N TYR A 247 -8.80 11.80 -4.33
CA TYR A 247 -7.36 11.70 -4.22
C TYR A 247 -6.69 12.30 -5.45
N ASN A 248 -7.14 11.91 -6.65
CA ASN A 248 -6.51 12.40 -7.87
C ASN A 248 -6.69 13.91 -7.99
N VAL A 249 -7.87 14.41 -7.61
CA VAL A 249 -8.15 15.83 -7.71
C VAL A 249 -7.17 16.62 -6.86
N GLY A 250 -6.97 16.18 -5.62
CA GLY A 250 -5.99 16.82 -4.77
C GLY A 250 -4.59 16.69 -5.32
N LEU A 251 -4.23 15.48 -5.73
CA LEU A 251 -2.89 15.24 -6.28
C LEU A 251 -2.59 16.21 -7.42
N ASP A 252 -3.54 16.34 -8.37
CA ASP A 252 -3.38 17.27 -9.49
C ASP A 252 -3.25 18.71 -9.01
N LYS A 253 -3.98 19.06 -7.94
CA LYS A 253 -3.99 20.43 -7.44
C LYS A 253 -2.63 20.80 -6.85
N LEU A 254 -1.65 19.87 -6.91
CA LEU A 254 -0.33 20.08 -6.33
C LEU A 254 0.83 19.98 -7.31
N ARG A 255 0.61 19.48 -8.54
CA ARG A 255 1.66 19.53 -9.55
C ARG A 255 2.10 20.97 -9.77
N GLY A 256 3.40 21.18 -9.80
CA GLY A 256 3.95 22.48 -10.12
C GLY A 256 5.25 22.32 -10.86
N SER A 257 6.17 23.23 -10.61
CA SER A 257 7.40 23.22 -11.35
C SER A 257 8.65 23.14 -10.49
N SER A 258 8.59 23.52 -9.21
CA SER A 258 9.78 23.58 -8.37
C SER A 258 9.91 22.34 -7.50
N TYR A 259 11.17 22.05 -7.13
CA TYR A 259 11.43 21.04 -6.10
C TYR A 259 10.47 21.21 -4.94
N GLU A 260 10.29 22.44 -4.47
CA GLU A 260 9.28 22.76 -3.44
C GLU A 260 7.89 22.20 -3.76
N SER A 261 7.31 22.55 -4.91
CA SER A 261 5.99 21.98 -5.26
C SER A 261 6.03 20.47 -5.20
N TRP A 262 7.15 19.87 -5.65
CA TRP A 262 7.27 18.41 -5.76
C TRP A 262 7.26 17.71 -4.39
N VAL A 263 7.99 18.24 -3.41
CA VAL A 263 8.01 17.59 -2.11
C VAL A 263 6.64 17.61 -1.47
N ASN A 264 5.90 18.71 -1.62
CA ASN A 264 4.50 18.70 -1.17
C ASN A 264 3.70 17.65 -1.92
N PHE A 265 3.89 17.59 -3.23
CA PHE A 265 3.18 16.64 -4.08
C PHE A 265 3.43 15.21 -3.60
N ASN A 266 4.70 14.84 -3.52
CA ASN A 266 5.08 13.51 -3.08
C ASN A 266 4.66 13.24 -1.65
N ARG A 267 4.73 14.25 -0.77
CA ARG A 267 4.29 14.05 0.61
C ARG A 267 2.79 13.82 0.66
N TYR A 268 2.03 14.49 -0.20
CA TYR A 268 0.62 14.18 -0.36
C TYR A 268 0.44 12.76 -0.88
N ARG A 269 1.19 12.39 -1.92
CA ARG A 269 1.00 11.08 -2.51
C ARG A 269 1.44 9.95 -1.60
N ARG A 270 2.51 10.14 -0.80
CA ARG A 270 2.90 9.14 0.19
C ARG A 270 1.83 9.00 1.27
N GLU A 271 1.47 10.12 1.87
CA GLU A 271 0.60 10.06 3.03
C GLU A 271 -0.80 9.62 2.63
N MET A 272 -1.27 9.98 1.43
CA MET A 272 -2.57 9.50 0.98
C MET A 272 -2.53 8.01 0.65
N THR A 273 -1.42 7.54 0.08
CA THR A 273 -1.27 6.10 -0.09
C THR A 273 -1.34 5.37 1.24
N LEU A 274 -0.69 5.88 2.28
CA LEU A 274 -0.73 5.13 3.54
C LEU A 274 -2.07 5.25 4.26
N THR A 275 -2.74 6.39 4.18
CA THR A 275 -3.92 6.56 5.00
C THR A 275 -5.21 6.64 4.19
N VAL A 276 -5.15 6.34 2.89
CA VAL A 276 -6.36 6.20 2.06
C VAL A 276 -6.26 5.00 1.14
N LEU A 277 -5.36 5.08 0.16
CA LEU A 277 -5.37 4.12 -0.93
C LEU A 277 -5.04 2.70 -0.46
N ASP A 278 -4.19 2.57 0.57
CA ASP A 278 -3.94 1.27 1.17
C ASP A 278 -5.16 0.76 1.90
N LEU A 279 -5.97 1.67 2.43
CA LEU A 279 -7.15 1.27 3.18
C LEU A 279 -8.24 0.78 2.24
N ILE A 280 -8.57 1.57 1.20
CA ILE A 280 -9.59 1.13 0.24
C ILE A 280 -9.20 -0.19 -0.42
N ALA A 281 -7.90 -0.45 -0.56
CA ALA A 281 -7.49 -1.67 -1.25
C ALA A 281 -8.03 -2.90 -0.59
N LEU A 282 -8.37 -2.82 0.70
CA LEU A 282 -8.85 -3.97 1.42
C LEU A 282 -10.37 -4.07 1.48
N PHE A 283 -11.08 -3.02 1.05
CA PHE A 283 -12.55 -3.01 1.10
C PHE A 283 -13.22 -4.23 0.48
N PRO A 284 -12.75 -4.81 -0.63
CA PRO A 284 -13.50 -5.95 -1.18
C PRO A 284 -13.29 -7.24 -0.41
N LEU A 285 -12.31 -7.32 0.49
CA LEU A 285 -12.09 -8.50 1.33
C LEU A 285 -13.02 -8.55 2.55
N TYR A 286 -13.73 -7.46 2.86
CA TYR A 286 -14.79 -7.50 3.85
C TYR A 286 -16.03 -8.24 3.36
N ASP A 287 -16.14 -8.52 2.06
CA ASP A 287 -17.19 -9.40 1.51
C ASP A 287 -16.88 -10.84 1.89
N VAL A 288 -17.42 -11.25 3.05
CA VAL A 288 -17.14 -12.56 3.61
C VAL A 288 -17.92 -13.65 2.91
N ARG A 289 -18.86 -13.29 2.04
CA ARG A 289 -19.49 -14.30 1.20
C ARG A 289 -18.58 -14.72 0.05
N LEU A 290 -17.94 -13.74 -0.59
CA LEU A 290 -16.94 -14.10 -1.61
C LEU A 290 -15.64 -14.57 -0.98
N TYR A 291 -15.30 -14.11 0.22
CA TYR A 291 -14.09 -14.52 0.91
C TYR A 291 -14.46 -15.18 2.23
N PRO A 292 -14.85 -16.45 2.20
CA PRO A 292 -15.31 -17.14 3.42
C PRO A 292 -14.23 -17.85 4.20
N LYS A 293 -12.96 -17.55 3.93
CA LYS A 293 -11.82 -17.92 4.73
C LYS A 293 -11.00 -16.66 5.02
N GLU A 294 -9.89 -16.83 5.74
CA GLU A 294 -8.93 -15.74 5.87
C GLU A 294 -8.18 -15.58 4.55
N VAL A 295 -7.81 -14.35 4.22
CA VAL A 295 -7.12 -14.07 2.97
C VAL A 295 -5.66 -13.70 3.23
N LYS A 296 -4.78 -14.28 2.40
CA LYS A 296 -3.37 -13.91 2.32
C LYS A 296 -3.18 -12.97 1.14
N THR A 297 -2.83 -11.72 1.40
CA THR A 297 -2.67 -10.76 0.32
C THR A 297 -1.50 -9.81 0.64
N GLU A 298 -1.26 -8.88 -0.28
CA GLU A 298 -0.17 -7.92 -0.09
C GLU A 298 -0.37 -6.66 -0.95
N LEU A 299 0.19 -5.57 -0.46
CA LEU A 299 0.27 -4.34 -1.22
C LEU A 299 1.59 -4.32 -1.97
N THR A 300 1.55 -4.15 -3.30
CA THR A 300 2.72 -4.17 -4.16
C THR A 300 3.18 -2.78 -4.58
N ARG A 301 2.48 -1.73 -4.17
CA ARG A 301 2.85 -0.40 -4.67
C ARG A 301 4.10 0.13 -3.97
N ASP A 302 4.73 1.12 -4.63
CA ASP A 302 5.87 1.93 -4.17
C ASP A 302 5.40 3.15 -3.40
N VAL A 303 6.23 3.58 -2.44
CA VAL A 303 6.16 4.92 -1.86
C VAL A 303 7.56 5.51 -1.83
N LEU A 304 7.67 6.83 -2.08
CA LEU A 304 8.93 7.55 -1.96
C LEU A 304 8.87 8.48 -0.75
N THR A 305 9.78 8.27 0.20
CA THR A 305 10.05 9.22 1.27
C THR A 305 10.52 10.56 0.72
N ASP A 306 10.23 11.65 1.48
CA ASP A 306 10.77 13.00 1.26
C ASP A 306 12.26 12.89 1.03
N PRO A 307 12.86 13.80 0.25
CA PRO A 307 14.30 13.68 -0.07
C PRO A 307 15.18 14.09 1.09
N ILE A 308 16.43 13.65 1.07
CA ILE A 308 17.36 13.92 2.15
C ILE A 308 18.14 15.20 1.86
N VAL A 309 17.92 16.24 2.67
CA VAL A 309 18.51 17.55 2.43
C VAL A 309 19.14 18.09 3.72
N GLY A 310 20.21 18.89 3.53
CA GLY A 310 20.93 19.51 4.61
C GLY A 310 20.41 20.86 5.01
N VAL A 311 19.43 21.39 4.26
CA VAL A 311 18.87 22.73 4.49
C VAL A 311 17.36 22.65 4.32
N ASN A 312 16.64 23.53 5.06
CA ASN A 312 15.21 23.70 4.82
C ASN A 312 14.95 24.33 3.46
N ASN A 313 15.56 25.50 3.21
CA ASN A 313 15.34 26.33 2.02
C ASN A 313 16.54 26.30 1.07
N LEU A 314 16.37 25.60 -0.05
CA LEU A 314 17.38 25.46 -1.09
C LEU A 314 17.44 26.65 -2.03
N ARG A 315 16.65 27.69 -1.77
CA ARG A 315 16.60 28.87 -2.62
C ARG A 315 16.58 28.48 -4.10
N GLY A 316 15.56 27.73 -4.49
CA GLY A 316 15.38 27.39 -5.90
C GLY A 316 16.48 26.62 -6.60
N TYR A 317 17.41 26.03 -5.85
CA TYR A 317 18.43 25.19 -6.44
C TYR A 317 18.08 23.71 -6.44
N GLY A 318 16.93 23.35 -5.86
CA GLY A 318 16.47 21.99 -5.95
C GLY A 318 16.12 21.60 -7.37
N THR A 319 16.22 20.30 -7.64
CA THR A 319 15.87 19.75 -8.94
C THR A 319 14.44 20.09 -9.29
N THR A 320 14.21 20.56 -10.52
CA THR A 320 12.85 20.97 -10.90
C THR A 320 11.87 19.79 -10.87
N PHE A 321 10.59 20.11 -10.72
CA PHE A 321 9.53 19.09 -10.68
C PHE A 321 9.62 18.10 -11.84
N SER A 322 9.64 18.63 -13.08
CA SER A 322 9.78 17.77 -14.26
C SER A 322 10.98 16.86 -14.15
N ASN A 323 12.05 17.31 -13.50
CA ASN A 323 13.29 16.57 -13.53
C ASN A 323 13.34 15.44 -12.51
N ILE A 324 12.39 15.40 -11.58
CA ILE A 324 12.31 14.31 -10.62
C ILE A 324 11.24 13.32 -11.08
N GLU A 325 10.01 13.82 -11.23
CA GLU A 325 8.87 12.95 -11.49
C GLU A 325 8.97 12.24 -12.83
N ASN A 326 9.49 12.92 -13.86
CA ASN A 326 9.57 12.21 -15.12
C ASN A 326 10.66 11.17 -15.12
N TYR A 327 11.40 11.05 -14.01
CA TYR A 327 12.58 10.20 -13.96
C TYR A 327 12.58 9.24 -12.77
N ILE A 328 11.49 9.14 -12.04
CA ILE A 328 11.40 8.12 -11.00
C ILE A 328 10.82 6.84 -11.59
N ARG A 329 10.87 5.77 -10.82
CA ARG A 329 10.61 4.42 -11.30
C ARG A 329 9.26 4.32 -11.97
N LYS A 330 9.27 3.95 -13.24
CA LYS A 330 7.99 3.84 -13.93
C LYS A 330 7.40 2.46 -13.63
N PRO A 331 6.06 2.30 -13.79
CA PRO A 331 5.41 1.02 -13.48
C PRO A 331 6.24 -0.18 -13.91
N HIS A 332 6.63 -1.00 -12.93
CA HIS A 332 7.62 -2.06 -13.12
C HIS A 332 7.16 -3.34 -12.41
N LEU A 333 7.63 -4.49 -12.90
CA LEU A 333 7.49 -5.73 -12.14
C LEU A 333 8.04 -5.56 -10.74
N PHE A 334 7.60 -6.37 -9.78
CA PHE A 334 8.11 -6.21 -8.42
C PHE A 334 9.54 -6.72 -8.36
N ASP A 335 10.43 -5.95 -7.72
CA ASP A 335 11.77 -6.42 -7.41
C ASP A 335 12.17 -6.00 -5.99
N TYR A 336 13.30 -6.53 -5.52
CA TYR A 336 13.84 -6.27 -4.19
C TYR A 336 15.23 -5.64 -4.32
N LEU A 337 15.60 -4.78 -3.36
CA LEU A 337 16.90 -4.11 -3.40
C LEU A 337 18.01 -5.15 -3.36
N HIS A 338 18.96 -5.05 -4.31
CA HIS A 338 20.12 -5.93 -4.29
C HIS A 338 21.41 -5.21 -3.91
N ARG A 339 21.75 -4.08 -4.55
CA ARG A 339 23.03 -3.43 -4.35
C ARG A 339 22.91 -1.91 -4.42
N ILE A 340 23.78 -1.23 -3.69
CA ILE A 340 23.97 0.23 -3.78
C ILE A 340 25.47 0.49 -3.89
N GLN A 341 25.88 1.16 -4.95
CA GLN A 341 27.26 1.60 -5.11
C GLN A 341 27.31 3.08 -4.81
N PHE A 342 27.78 3.42 -3.61
CA PHE A 342 27.88 4.82 -3.22
C PHE A 342 29.04 5.53 -3.92
N HIS A 343 28.82 6.80 -4.27
CA HIS A 343 29.81 7.68 -4.86
C HIS A 343 29.90 8.96 -4.03
N THR A 344 31.05 9.17 -3.38
CA THR A 344 31.35 10.32 -2.55
C THR A 344 32.19 11.36 -3.29
N ARG A 345 31.85 12.64 -3.09
CA ARG A 345 32.70 13.74 -3.53
C ARG A 345 33.21 14.54 -2.33
N PHE A 346 34.03 15.55 -2.63
CA PHE A 346 34.62 16.41 -1.62
C PHE A 346 34.05 17.81 -1.76
N GLN A 347 33.60 18.37 -0.64
CA GLN A 347 33.00 19.69 -0.56
C GLN A 347 33.96 20.60 0.18
N PRO A 348 34.75 21.41 -0.50
CA PRO A 348 35.66 22.33 0.19
C PRO A 348 34.84 23.37 0.95
N GLY A 349 35.01 23.40 2.27
CA GLY A 349 34.24 24.30 3.11
C GLY A 349 34.87 25.68 3.22
N TYR A 350 34.25 26.53 4.03
CA TYR A 350 34.73 27.89 4.17
C TYR A 350 36.00 27.96 5.00
N TYR A 351 36.33 26.89 5.73
CA TYR A 351 37.44 26.81 6.66
C TYR A 351 37.88 25.36 6.81
N GLY A 352 39.08 25.19 7.36
CA GLY A 352 39.66 23.88 7.51
C GLY A 352 38.90 23.01 8.48
N ASN A 353 37.57 23.14 8.50
CA ASN A 353 36.70 22.41 9.39
C ASN A 353 35.43 21.95 8.68
N ASP A 354 34.67 22.89 8.10
CA ASP A 354 33.39 22.51 7.50
C ASP A 354 33.58 21.70 6.21
N SER A 355 34.73 21.81 5.54
CA SER A 355 35.01 20.99 4.37
C SER A 355 34.78 19.51 4.68
N PHE A 356 33.92 18.88 3.89
CA PHE A 356 33.53 17.49 4.17
C PHE A 356 33.38 16.72 2.87
N ASN A 357 32.98 15.46 3.01
CA ASN A 357 32.70 14.57 1.90
C ASN A 357 31.19 14.38 1.82
N TYR A 358 30.66 14.24 0.62
CA TYR A 358 29.22 14.07 0.49
C TYR A 358 28.89 12.98 -0.53
N TRP A 359 27.85 12.20 -0.20
CA TRP A 359 27.24 11.28 -1.15
C TRP A 359 26.72 12.07 -2.36
N SER A 360 27.25 11.77 -3.54
CA SER A 360 27.02 12.55 -4.75
C SER A 360 26.31 11.78 -5.84
N GLY A 361 26.59 10.48 -5.98
CA GLY A 361 25.93 9.64 -6.96
C GLY A 361 25.84 8.21 -6.47
N ASN A 362 25.25 7.34 -7.30
CA ASN A 362 25.12 5.94 -6.96
C ASN A 362 24.73 5.16 -8.21
N TYR A 363 24.89 3.84 -8.13
CA TYR A 363 24.16 2.89 -8.97
C TYR A 363 23.17 2.14 -8.08
N VAL A 364 22.16 1.54 -8.71
CA VAL A 364 21.23 0.68 -7.97
C VAL A 364 21.12 -0.64 -8.72
N SER A 365 21.14 -1.73 -7.96
CA SER A 365 20.82 -3.06 -8.46
C SER A 365 19.63 -3.57 -7.67
N THR A 366 18.74 -4.33 -8.33
CA THR A 366 17.59 -4.93 -7.65
C THR A 366 17.36 -6.35 -8.17
N ARG A 367 17.00 -7.26 -7.25
CA ARG A 367 16.78 -8.59 -7.81
C ARG A 367 15.30 -8.86 -8.03
N PRO A 368 14.94 -9.43 -9.17
CA PRO A 368 13.54 -9.49 -9.57
C PRO A 368 12.77 -10.47 -8.71
N SER A 369 11.44 -10.42 -8.81
CA SER A 369 10.66 -11.38 -8.03
C SER A 369 11.01 -12.81 -8.42
N ILE A 370 10.61 -13.74 -7.55
CA ILE A 370 11.12 -15.11 -7.61
C ILE A 370 10.84 -15.75 -8.97
N GLY A 371 11.73 -16.65 -9.38
CA GLY A 371 11.66 -17.31 -10.67
C GLY A 371 12.78 -16.95 -11.61
N SER A 372 13.16 -15.67 -11.59
CA SER A 372 14.37 -15.14 -12.20
C SER A 372 15.35 -14.73 -11.10
N ASN A 373 16.64 -14.75 -11.45
CA ASN A 373 17.66 -14.10 -10.62
C ASN A 373 18.59 -13.19 -11.42
N ASP A 374 18.55 -13.19 -12.76
CA ASP A 374 19.46 -12.33 -13.49
C ASP A 374 19.07 -10.86 -13.25
N ILE A 375 19.94 -10.16 -12.52
CA ILE A 375 19.64 -8.95 -11.75
C ILE A 375 19.35 -7.80 -12.71
N ILE A 376 18.95 -6.65 -12.16
CA ILE A 376 18.84 -5.41 -12.90
C ILE A 376 19.80 -4.41 -12.26
N THR A 377 20.40 -3.56 -13.08
CA THR A 377 21.24 -2.49 -12.57
C THR A 377 20.92 -1.21 -13.35
N SER A 378 20.88 -0.12 -12.61
CA SER A 378 20.32 1.13 -13.07
C SER A 378 21.31 1.85 -13.97
N PRO A 379 20.88 2.94 -14.61
CA PRO A 379 21.87 3.88 -15.16
C PRO A 379 22.70 4.44 -14.02
N PHE A 380 23.62 5.35 -14.30
CA PHE A 380 24.23 6.06 -13.19
C PHE A 380 23.33 7.23 -12.85
N TYR A 381 23.08 7.43 -11.56
CA TYR A 381 22.41 8.63 -11.06
C TYR A 381 23.40 9.48 -10.30
N GLY A 382 23.46 10.77 -10.63
CA GLY A 382 24.30 11.69 -9.90
C GLY A 382 25.68 11.88 -10.49
N ASN A 383 26.63 12.25 -9.65
CA ASN A 383 28.00 12.58 -10.01
C ASN A 383 28.94 11.45 -9.58
N LYS A 384 29.98 11.21 -10.38
CA LYS A 384 30.95 10.14 -10.10
C LYS A 384 31.96 10.58 -9.03
N SER A 385 32.60 9.57 -8.43
CA SER A 385 33.20 9.68 -7.12
C SER A 385 34.61 10.27 -7.18
N SER A 386 34.96 11.12 -6.20
CA SER A 386 36.32 11.65 -6.07
C SER A 386 37.10 11.05 -4.90
N GLU A 387 36.45 10.25 -4.07
CA GLU A 387 37.10 9.45 -3.04
C GLU A 387 36.84 8.02 -3.50
N PRO A 388 37.27 6.99 -2.79
CA PRO A 388 36.95 5.63 -3.23
C PRO A 388 35.49 5.26 -2.99
N VAL A 389 34.98 4.41 -3.88
CA VAL A 389 33.61 3.89 -3.91
C VAL A 389 33.36 2.90 -2.76
N GLN A 390 32.12 2.91 -2.22
CA GLN A 390 31.66 1.96 -1.23
C GLN A 390 30.52 1.10 -1.77
N ASN A 391 30.62 -0.22 -1.57
CA ASN A 391 29.57 -1.18 -1.97
C ASN A 391 28.99 -1.87 -0.75
N LEU A 392 27.66 -1.82 -0.62
CA LEU A 392 26.94 -2.68 0.31
C LEU A 392 26.09 -3.68 -0.48
N GLU A 393 26.07 -4.93 0.01
CA GLU A 393 25.28 -6.01 -0.59
C GLU A 393 24.08 -6.27 0.29
N PHE A 394 22.90 -6.32 -0.33
CA PHE A 394 21.67 -6.51 0.39
C PHE A 394 20.92 -7.79 0.01
N ASN A 395 21.60 -8.77 -0.60
CA ASN A 395 20.95 -10.05 -0.87
C ASN A 395 20.40 -10.68 0.42
N GLY A 396 19.10 -11.03 0.41
CA GLY A 396 18.46 -11.72 1.51
C GLY A 396 18.09 -10.85 2.70
N GLU A 397 18.43 -9.56 2.65
CA GLU A 397 18.17 -8.63 3.74
C GLU A 397 17.00 -7.70 3.40
N LYS A 398 16.32 -7.26 4.44
CA LYS A 398 15.17 -6.39 4.33
C LYS A 398 15.50 -5.15 5.13
N VAL A 399 15.66 -4.02 4.43
CA VAL A 399 16.17 -2.79 5.04
C VAL A 399 15.06 -2.04 5.73
N TYR A 400 14.78 -2.36 6.97
CA TYR A 400 13.58 -1.84 7.62
C TYR A 400 13.73 -0.42 8.14
N ARG A 401 14.90 0.21 7.95
CA ARG A 401 15.13 1.57 8.43
C ARG A 401 16.28 2.22 7.68
N ALA A 402 16.25 3.56 7.63
CA ALA A 402 17.36 4.38 7.15
C ALA A 402 17.42 5.71 7.89
N VAL A 403 18.60 6.01 8.46
CA VAL A 403 18.90 7.22 9.21
C VAL A 403 20.12 7.89 8.59
N ALA A 404 20.08 9.22 8.43
CA ALA A 404 21.12 9.91 7.66
C ALA A 404 21.61 11.21 8.30
N ASN A 405 22.91 11.47 8.11
CA ASN A 405 23.53 12.75 8.45
C ASN A 405 23.70 13.65 7.23
N THR A 406 23.54 14.95 7.46
CA THR A 406 23.79 15.94 6.41
C THR A 406 24.73 17.00 6.95
N ASN A 407 25.19 17.88 6.07
CA ASN A 407 26.16 18.90 6.46
C ASN A 407 26.29 19.95 5.37
N LEU A 408 26.64 21.17 5.77
CA LEU A 408 26.66 22.28 4.85
C LEU A 408 27.88 23.16 5.11
N ALA A 409 28.27 23.91 4.09
CA ALA A 409 29.34 24.91 4.19
C ALA A 409 28.80 26.24 3.67
N VAL A 410 28.87 27.28 4.49
CA VAL A 410 28.38 28.59 4.11
C VAL A 410 29.49 29.36 3.44
N TRP A 411 29.24 29.78 2.22
CA TRP A 411 30.16 30.50 1.35
C TRP A 411 29.59 31.87 1.10
N PRO A 412 30.41 32.84 0.84
CA PRO A 412 29.88 34.18 0.63
C PRO A 412 28.91 34.18 -0.54
N SER A 413 29.12 33.30 -1.52
CA SER A 413 28.27 33.28 -2.71
C SER A 413 27.14 32.25 -2.68
N ALA A 414 27.25 31.17 -1.90
CA ALA A 414 26.41 29.99 -2.07
C ALA A 414 26.49 29.12 -0.83
N VAL A 415 25.58 28.15 -0.74
CA VAL A 415 25.61 27.11 0.30
C VAL A 415 25.77 25.76 -0.39
N TYR A 416 26.45 24.82 0.28
CA TYR A 416 26.63 23.49 -0.30
C TYR A 416 26.25 22.42 0.72
N SER A 417 25.09 21.81 0.51
CA SER A 417 24.58 20.76 1.37
C SER A 417 24.81 19.38 0.72
N GLY A 418 24.91 18.37 1.58
CA GLY A 418 25.07 17.00 1.14
C GLY A 418 24.65 15.99 2.18
N VAL A 419 24.53 14.75 1.75
CA VAL A 419 24.28 13.63 2.65
C VAL A 419 25.61 12.97 2.96
N THR A 420 25.98 12.94 4.23
CA THR A 420 27.31 12.44 4.54
C THR A 420 27.28 11.01 5.04
N LYS A 421 26.17 10.56 5.61
CA LYS A 421 26.16 9.27 6.23
C LYS A 421 24.76 8.71 6.04
N VAL A 422 24.66 7.43 5.72
CA VAL A 422 23.38 6.74 5.79
C VAL A 422 23.65 5.37 6.39
N GLU A 423 23.12 5.15 7.57
CA GLU A 423 23.09 3.86 8.23
C GLU A 423 21.79 3.13 7.91
N PHE A 424 21.91 1.89 7.41
CA PHE A 424 20.79 1.05 6.96
C PHE A 424 20.53 -0.07 7.98
N SER A 425 19.52 0.08 8.83
CA SER A 425 19.06 -1.04 9.65
C SER A 425 18.42 -2.12 8.77
N GLN A 426 18.61 -3.39 9.11
CA GLN A 426 18.20 -4.47 8.21
C GLN A 426 17.91 -5.75 8.99
N TYR A 427 17.18 -6.69 8.37
CA TYR A 427 16.77 -7.95 9.00
C TYR A 427 16.91 -9.10 8.00
N ASN A 428 16.83 -10.33 8.48
CA ASN A 428 17.12 -11.49 7.66
C ASN A 428 16.15 -12.62 8.02
N ASP A 429 15.32 -13.05 7.07
CA ASP A 429 14.31 -14.06 7.40
C ASP A 429 14.83 -15.48 7.21
N GLN A 430 15.83 -15.69 6.35
CA GLN A 430 16.38 -17.03 6.19
C GLN A 430 17.07 -17.50 7.46
N THR A 431 17.47 -16.57 8.36
CA THR A 431 18.31 -16.91 9.52
C THR A 431 18.11 -15.95 10.68
N ASP A 432 16.88 -15.46 10.89
CA ASP A 432 16.49 -14.70 12.08
C ASP A 432 17.56 -13.95 12.87
N GLU A 433 18.21 -12.92 12.30
CA GLU A 433 19.00 -12.02 13.16
C GLU A 433 19.26 -10.69 12.44
N ALA A 434 19.18 -9.60 13.21
CA ALA A 434 19.27 -8.23 12.72
C ALA A 434 20.69 -7.66 12.83
N SER A 435 20.98 -6.70 11.95
CA SER A 435 22.32 -6.17 11.75
C SER A 435 22.20 -4.72 11.28
N THR A 436 23.35 -4.07 11.05
CA THR A 436 23.40 -2.77 10.38
C THR A 436 24.49 -2.78 9.32
N GLN A 437 24.28 -2.01 8.28
CA GLN A 437 25.26 -1.74 7.23
C GLN A 437 25.21 -0.24 7.01
N THR A 438 26.37 0.41 7.01
CA THR A 438 26.39 1.86 7.02
C THR A 438 27.30 2.35 5.89
N TYR A 439 27.06 3.60 5.52
CA TYR A 439 27.89 4.34 4.59
C TYR A 439 28.39 5.60 5.28
N ASP A 440 29.66 5.92 5.09
CA ASP A 440 30.31 7.04 5.75
C ASP A 440 31.07 7.86 4.72
N SER A 441 30.76 9.15 4.63
CA SER A 441 31.44 10.01 3.67
C SER A 441 32.95 10.02 3.88
N LYS A 442 33.40 9.66 5.10
CA LYS A 442 34.80 9.49 5.51
C LYS A 442 35.48 10.82 5.85
N ARG A 443 34.72 11.91 6.04
CA ARG A 443 35.25 13.26 6.31
C ARG A 443 34.12 14.21 6.71
N ASN A 444 33.99 14.45 8.03
CA ASN A 444 33.09 15.40 8.70
C ASN A 444 31.61 15.06 8.62
N VAL A 445 31.21 13.93 9.21
CA VAL A 445 29.89 13.38 8.94
C VAL A 445 28.78 14.32 9.37
N GLY A 446 28.94 15.01 10.49
CA GLY A 446 27.88 15.86 10.95
C GLY A 446 26.92 15.09 11.85
N ALA A 447 25.70 15.61 11.93
CA ALA A 447 24.66 15.02 12.76
C ALA A 447 23.55 14.40 11.91
N VAL A 448 22.86 13.42 12.50
CA VAL A 448 21.70 12.82 11.86
C VAL A 448 20.59 13.85 11.77
N SER A 449 20.01 14.01 10.56
CA SER A 449 18.92 14.94 10.33
C SER A 449 17.70 14.33 9.66
N TRP A 450 17.70 13.03 9.38
CA TRP A 450 16.68 12.42 8.54
C TRP A 450 16.42 11.00 9.04
N ASP A 451 15.19 10.69 9.44
CA ASP A 451 14.86 9.40 10.03
C ASP A 451 13.64 8.84 9.32
N SER A 452 13.83 7.72 8.59
CA SER A 452 12.75 7.19 7.77
C SER A 452 11.56 6.73 8.61
N ILE A 453 11.78 6.47 9.91
CA ILE A 453 10.70 6.16 10.85
C ILE A 453 9.70 7.31 10.98
N ASP A 454 10.17 8.54 10.80
CA ASP A 454 9.30 9.72 10.88
C ASP A 454 8.33 9.80 9.70
N GLN A 455 8.45 8.90 8.73
CA GLN A 455 7.65 8.96 7.53
C GLN A 455 7.02 7.63 7.21
N LEU A 456 7.73 6.54 7.49
CA LEU A 456 7.22 5.18 7.36
C LEU A 456 7.27 4.51 8.73
N PRO A 457 6.39 4.90 9.65
CA PRO A 457 6.48 4.39 11.02
C PRO A 457 6.39 2.88 11.05
N PRO A 458 6.49 2.26 12.23
CA PRO A 458 6.16 0.84 12.32
C PRO A 458 4.65 0.61 12.36
N GLU A 459 4.26 -0.64 12.05
CA GLU A 459 2.89 -1.09 12.20
C GLU A 459 2.41 -0.96 13.64
N THR A 460 3.08 -1.68 14.56
CA THR A 460 2.94 -1.48 15.99
C THR A 460 4.31 -1.22 16.61
N THR A 461 4.33 -0.40 17.65
CA THR A 461 5.56 -0.17 18.42
C THR A 461 5.66 -1.09 19.63
N ASP A 462 4.94 -2.22 19.61
CA ASP A 462 5.05 -3.28 20.61
C ASP A 462 6.39 -4.01 20.48
N GLU A 463 6.57 -4.74 19.38
CA GLU A 463 7.74 -5.55 19.16
C GLU A 463 8.96 -4.67 18.93
N PRO A 464 10.16 -5.26 18.90
CA PRO A 464 11.32 -4.54 18.34
C PRO A 464 11.11 -4.23 16.85
N LEU A 465 11.78 -3.16 16.39
CA LEU A 465 11.43 -2.58 15.11
C LEU A 465 11.74 -3.50 13.93
N GLU A 466 12.64 -4.49 14.08
CA GLU A 466 12.91 -5.39 12.94
C GLU A 466 11.83 -6.44 12.76
N LYS A 467 10.96 -6.66 13.76
CA LYS A 467 9.74 -7.46 13.54
C LYS A 467 8.52 -6.60 13.23
N GLY A 468 8.35 -5.45 13.92
CA GLY A 468 7.16 -4.63 13.73
C GLY A 468 7.28 -3.42 12.80
N TYR A 469 8.25 -3.42 11.90
CA TYR A 469 8.39 -2.34 10.94
C TYR A 469 7.28 -2.41 9.91
N SER A 470 7.17 -1.36 9.08
CA SER A 470 6.16 -1.39 8.03
C SER A 470 6.69 -1.40 6.60
N HIS A 471 7.93 -1.01 6.35
CA HIS A 471 8.41 -0.96 4.96
C HIS A 471 9.87 -1.37 4.89
N GLN A 472 10.26 -1.86 3.72
CA GLN A 472 11.63 -2.19 3.40
C GLN A 472 12.09 -1.43 2.16
N LEU A 473 13.34 -0.96 2.19
CA LEU A 473 13.85 -0.09 1.14
C LEU A 473 13.99 -0.85 -0.18
N ASN A 474 13.58 -0.21 -1.27
CA ASN A 474 13.50 -0.84 -2.58
C ASN A 474 14.48 -0.28 -3.60
N TYR A 475 14.85 0.98 -3.48
CA TYR A 475 15.48 1.70 -4.56
C TYR A 475 15.97 3.06 -4.05
N VAL A 476 17.11 3.50 -4.55
CA VAL A 476 17.77 4.73 -4.09
C VAL A 476 18.17 5.53 -5.33
N MET A 477 17.57 6.70 -5.51
CA MET A 477 18.01 7.55 -6.61
C MET A 477 18.76 8.77 -6.08
N CYS A 478 19.61 9.33 -6.95
CA CYS A 478 20.37 10.53 -6.66
C CYS A 478 20.07 11.60 -7.70
N PHE A 479 19.54 12.72 -7.24
CA PHE A 479 19.23 13.81 -8.13
C PHE A 479 20.23 14.92 -7.92
N LEU A 480 20.65 15.53 -9.03
CA LEU A 480 21.59 16.63 -9.03
C LEU A 480 20.84 17.94 -8.85
N MET A 481 21.39 18.81 -8.01
CA MET A 481 20.79 20.11 -7.77
C MET A 481 21.00 21.00 -9.00
N GLN A 482 20.30 22.12 -9.04
CA GLN A 482 20.52 23.10 -10.10
C GLN A 482 21.81 23.87 -9.88
N GLY A 483 22.74 23.78 -10.84
CA GLY A 483 24.08 24.33 -10.67
C GLY A 483 24.95 23.57 -9.69
N SER A 484 25.32 22.32 -10.07
CA SER A 484 25.72 21.21 -9.17
C SER A 484 26.15 21.70 -7.79
N ARG A 485 25.15 22.09 -7.02
CA ARG A 485 25.27 22.63 -5.67
C ARG A 485 25.01 21.56 -4.63
N GLY A 486 24.85 20.32 -5.08
CA GLY A 486 24.68 19.16 -4.22
C GLY A 486 23.98 18.05 -4.96
N THR A 487 23.79 16.93 -4.25
CA THR A 487 22.97 15.81 -4.69
C THR A 487 21.91 15.52 -3.64
N ILE A 488 20.66 15.45 -4.08
CA ILE A 488 19.55 15.10 -3.20
C ILE A 488 19.16 13.66 -3.53
N PRO A 489 19.28 12.73 -2.58
CA PRO A 489 18.86 11.35 -2.84
C PRO A 489 17.44 11.10 -2.39
N VAL A 490 16.83 10.14 -3.06
CA VAL A 490 15.41 9.85 -2.92
C VAL A 490 15.25 8.35 -2.76
N LEU A 491 14.53 7.94 -1.72
CA LEU A 491 14.40 6.55 -1.32
C LEU A 491 12.99 6.02 -1.60
N THR A 492 12.93 4.84 -2.21
CA THR A 492 11.70 4.14 -2.56
C THR A 492 11.51 2.89 -1.70
N TRP A 493 10.30 2.69 -1.19
CA TRP A 493 10.08 1.59 -0.26
C TRP A 493 8.82 0.82 -0.64
N THR A 494 8.79 -0.45 -0.29
CA THR A 494 7.62 -1.25 -0.54
C THR A 494 7.03 -1.67 0.80
N HIS A 495 5.90 -2.37 0.75
CA HIS A 495 5.27 -2.82 1.97
C HIS A 495 5.85 -4.13 2.46
N LYS A 496 5.99 -4.22 3.80
CA LYS A 496 6.37 -5.44 4.50
C LYS A 496 5.47 -6.61 4.16
N SER A 497 4.23 -6.36 3.72
CA SER A 497 3.33 -7.48 3.51
C SER A 497 3.72 -8.30 2.31
N VAL A 498 4.62 -7.78 1.45
CA VAL A 498 4.99 -8.52 0.26
C VAL A 498 5.70 -9.80 0.69
N ASP A 499 5.44 -10.89 -0.04
CA ASP A 499 6.08 -12.18 0.21
C ASP A 499 7.07 -12.43 -0.92
N PHE A 500 8.35 -12.63 -0.58
CA PHE A 500 9.35 -12.90 -1.62
C PHE A 500 8.98 -14.13 -2.43
N PHE A 501 8.57 -15.20 -1.72
CA PHE A 501 8.43 -16.56 -2.21
C PHE A 501 7.16 -16.82 -3.02
N ASN A 502 6.14 -15.94 -2.96
CA ASN A 502 4.86 -16.17 -3.67
C ASN A 502 4.20 -17.46 -3.20
N MET A 503 3.97 -17.55 -1.90
CA MET A 503 3.45 -18.78 -1.31
C MET A 503 1.95 -18.90 -1.50
N ILE A 504 1.51 -20.11 -1.80
CA ILE A 504 0.10 -20.44 -1.85
C ILE A 504 -0.28 -21.11 -0.55
N ASP A 505 -1.00 -20.41 0.31
CA ASP A 505 -1.41 -20.96 1.60
C ASP A 505 -2.28 -22.19 1.39
N SER A 506 -2.34 -23.06 2.41
CA SER A 506 -3.12 -24.27 2.34
C SER A 506 -4.46 -24.18 3.05
N LYS A 507 -4.62 -23.28 4.02
CA LYS A 507 -5.89 -23.03 4.68
C LYS A 507 -6.59 -21.75 4.23
N LYS A 508 -5.84 -20.75 3.74
CA LYS A 508 -6.36 -19.43 3.45
C LYS A 508 -6.59 -19.23 1.96
N ILE A 509 -7.26 -18.12 1.62
CA ILE A 509 -7.42 -17.69 0.25
C ILE A 509 -6.24 -16.80 -0.12
N THR A 510 -5.59 -17.09 -1.24
CA THR A 510 -4.33 -16.45 -1.58
C THR A 510 -4.47 -15.59 -2.84
N GLN A 511 -4.03 -14.35 -2.72
CA GLN A 511 -4.11 -13.38 -3.81
C GLN A 511 -2.72 -13.20 -4.36
N LEU A 512 -2.53 -13.49 -5.64
CA LEU A 512 -1.22 -13.36 -6.24
C LEU A 512 -1.28 -12.21 -7.24
N PRO A 513 -0.67 -11.07 -6.97
CA PRO A 513 -0.72 -9.98 -7.93
C PRO A 513 0.15 -10.33 -9.12
N LEU A 514 -0.34 -10.02 -10.32
CA LEU A 514 0.45 -10.27 -11.51
C LEU A 514 1.75 -9.45 -11.58
N VAL A 515 1.93 -8.45 -10.74
CA VAL A 515 3.23 -7.77 -10.74
C VAL A 515 4.33 -8.58 -10.06
N LYS A 516 4.01 -9.71 -9.42
CA LYS A 516 5.04 -10.59 -8.86
C LYS A 516 5.51 -11.63 -9.86
N ALA A 517 4.85 -11.70 -11.02
CA ALA A 517 5.44 -12.42 -12.14
C ALA A 517 6.88 -11.98 -12.34
N TYR A 518 7.74 -12.92 -12.73
CA TYR A 518 9.13 -12.57 -12.99
C TYR A 518 9.46 -12.29 -14.46
N LYS A 519 8.44 -12.18 -15.34
CA LYS A 519 8.61 -12.29 -16.79
C LYS A 519 7.32 -11.93 -17.51
N LEU A 520 7.39 -11.09 -18.55
CA LEU A 520 6.20 -10.75 -19.33
C LEU A 520 6.48 -10.99 -20.82
N GLN A 521 5.46 -11.46 -21.52
CA GLN A 521 5.61 -11.82 -22.91
C GLN A 521 4.43 -11.31 -23.74
N SER A 522 4.57 -11.49 -25.06
CA SER A 522 3.56 -11.10 -26.06
C SER A 522 3.23 -9.62 -25.99
N GLY A 523 4.17 -8.80 -25.53
CA GLY A 523 3.92 -7.38 -25.51
C GLY A 523 2.96 -7.00 -24.39
N ALA A 524 3.22 -7.56 -23.21
CA ALA A 524 2.41 -7.32 -22.02
C ALA A 524 3.19 -6.38 -21.12
N SER A 525 2.64 -5.21 -20.83
CA SER A 525 3.39 -4.25 -20.04
C SER A 525 2.77 -4.06 -18.66
N VAL A 526 3.50 -3.35 -17.83
CA VAL A 526 3.07 -3.02 -16.48
C VAL A 526 2.50 -1.62 -16.49
N VAL A 527 1.31 -1.47 -15.93
CA VAL A 527 0.54 -0.26 -16.08
C VAL A 527 0.10 0.24 -14.70
N ALA A 528 0.06 1.57 -14.57
CA ALA A 528 -0.43 2.22 -13.36
C ALA A 528 -1.78 1.64 -12.98
N GLY A 529 -1.84 1.04 -11.81
CA GLY A 529 -3.09 0.55 -11.31
C GLY A 529 -4.08 1.68 -11.08
N PRO A 530 -5.32 1.33 -11.00
CA PRO A 530 -6.36 2.35 -10.88
C PRO A 530 -6.56 2.90 -9.49
N ARG A 531 -5.61 2.68 -8.58
CA ARG A 531 -5.48 3.29 -7.26
C ARG A 531 -6.17 2.49 -6.16
N PHE A 532 -7.00 1.50 -6.50
CA PHE A 532 -7.72 0.72 -5.50
C PHE A 532 -7.30 -0.73 -5.45
N THR A 533 -6.36 -1.17 -6.28
CA THR A 533 -5.90 -2.56 -6.28
C THR A 533 -4.74 -2.81 -5.35
N GLY A 534 -4.16 -1.78 -4.75
CA GLY A 534 -3.00 -1.96 -3.92
C GLY A 534 -1.71 -1.92 -4.68
N GLY A 535 -1.75 -1.51 -5.93
CA GLY A 535 -0.59 -1.45 -6.77
C GLY A 535 -1.00 -1.39 -8.24
N ASP A 536 -0.14 -1.96 -9.07
CA ASP A 536 -0.32 -1.88 -10.49
C ASP A 536 -0.89 -3.20 -11.01
N ILE A 537 -1.02 -3.25 -12.34
CA ILE A 537 -1.72 -4.34 -13.02
C ILE A 537 -0.96 -4.59 -14.31
N ILE A 538 -1.15 -5.77 -14.87
CA ILE A 538 -0.52 -6.14 -16.12
C ILE A 538 -1.46 -5.79 -17.25
N GLN A 539 -0.93 -5.15 -18.29
CA GLN A 539 -1.70 -4.77 -19.47
C GLN A 539 -1.34 -5.69 -20.64
N CYS A 540 -2.32 -6.49 -21.10
CA CYS A 540 -2.21 -7.31 -22.30
C CYS A 540 -2.84 -6.61 -23.48
N THR A 541 -2.11 -6.52 -24.60
CA THR A 541 -2.64 -5.92 -25.82
C THR A 541 -2.64 -6.89 -27.00
N GLU A 542 -2.34 -8.15 -26.74
CA GLU A 542 -2.04 -9.09 -27.80
C GLU A 542 -2.47 -10.46 -27.32
N ASN A 543 -2.90 -11.27 -28.27
CA ASN A 543 -3.20 -12.66 -28.00
C ASN A 543 -1.96 -13.42 -27.56
N GLY A 544 -2.18 -14.36 -26.65
CA GLY A 544 -1.13 -15.28 -26.25
C GLY A 544 -0.61 -14.99 -24.86
N SER A 545 0.34 -15.84 -24.48
CA SER A 545 0.86 -15.86 -23.13
C SER A 545 1.28 -14.47 -22.71
N ALA A 546 0.89 -14.08 -21.50
CA ALA A 546 1.09 -12.70 -21.07
C ALA A 546 1.99 -12.56 -19.86
N ALA A 547 1.90 -13.45 -18.88
CA ALA A 547 2.72 -13.29 -17.69
C ALA A 547 3.03 -14.64 -17.08
N THR A 548 4.17 -14.69 -16.40
CA THR A 548 4.65 -15.92 -15.79
C THR A 548 5.15 -15.56 -14.41
N ILE A 549 4.54 -16.18 -13.42
CA ILE A 549 4.85 -15.95 -12.01
C ILE A 549 5.26 -17.26 -11.40
N TYR A 550 6.28 -17.22 -10.55
CA TYR A 550 6.75 -18.39 -9.83
C TYR A 550 5.99 -18.50 -8.51
N VAL A 551 5.84 -19.73 -8.01
CA VAL A 551 4.77 -20.04 -7.06
C VAL A 551 5.21 -21.13 -6.08
N THR A 552 5.07 -20.86 -4.78
CA THR A 552 5.54 -21.78 -3.75
C THR A 552 4.41 -22.50 -3.01
N PRO A 553 4.13 -23.76 -3.32
CA PRO A 553 3.15 -24.51 -2.54
C PRO A 553 3.71 -24.87 -1.17
N ASP A 554 2.82 -24.93 -0.19
CA ASP A 554 3.28 -25.11 1.19
C ASP A 554 3.20 -26.55 1.71
N VAL A 555 2.54 -27.46 0.99
CA VAL A 555 2.57 -28.88 1.32
C VAL A 555 2.63 -29.67 0.01
N SER A 556 2.88 -30.97 0.14
CA SER A 556 2.92 -31.88 -1.00
C SER A 556 1.97 -33.07 -0.84
N TYR A 557 0.95 -32.95 0.03
CA TYR A 557 -0.25 -33.75 -0.11
C TYR A 557 -1.12 -33.05 -1.14
N SER A 558 -1.41 -33.72 -2.27
CA SER A 558 -2.04 -33.06 -3.41
C SER A 558 -3.26 -32.26 -2.96
N GLN A 559 -3.00 -31.03 -2.51
CA GLN A 559 -3.99 -30.07 -2.06
C GLN A 559 -4.65 -29.47 -3.30
N LYS A 560 -5.92 -29.78 -3.53
CA LYS A 560 -6.58 -29.23 -4.69
C LYS A 560 -7.00 -27.78 -4.46
N TYR A 561 -7.06 -27.02 -5.56
CA TYR A 561 -7.33 -25.59 -5.53
C TYR A 561 -8.33 -25.26 -6.63
N ARG A 562 -9.09 -24.17 -6.43
CA ARG A 562 -9.86 -23.51 -7.48
C ARG A 562 -9.28 -22.11 -7.67
N ALA A 563 -9.33 -21.60 -8.89
CA ALA A 563 -8.77 -20.29 -9.18
C ALA A 563 -9.85 -19.28 -9.55
N ARG A 564 -9.67 -18.05 -9.10
CA ARG A 564 -10.43 -16.94 -9.64
C ARG A 564 -9.42 -15.91 -10.14
N ILE A 565 -9.89 -14.97 -10.95
CA ILE A 565 -9.02 -13.96 -11.51
C ILE A 565 -9.80 -12.67 -11.57
N HIS A 566 -9.09 -11.57 -11.30
CA HIS A 566 -9.65 -10.23 -11.13
C HIS A 566 -9.06 -9.45 -12.31
N TYR A 567 -9.90 -9.17 -13.31
CA TYR A 567 -9.47 -8.59 -14.58
C TYR A 567 -10.44 -7.50 -15.01
N ALA A 568 -10.13 -6.87 -16.12
CA ALA A 568 -11.08 -5.98 -16.79
C ALA A 568 -10.78 -6.06 -18.27
N SER A 569 -11.78 -6.40 -19.06
CA SER A 569 -11.57 -6.64 -20.48
C SER A 569 -12.44 -5.73 -21.31
N THR A 570 -11.93 -5.32 -22.47
CA THR A 570 -12.80 -4.60 -23.40
C THR A 570 -13.62 -5.54 -24.26
N SER A 571 -13.24 -6.80 -24.40
CA SER A 571 -14.03 -7.75 -25.16
C SER A 571 -14.05 -9.07 -24.41
N GLN A 572 -14.93 -9.99 -24.86
CA GLN A 572 -14.96 -11.32 -24.26
C GLN A 572 -13.66 -12.03 -24.61
N ILE A 573 -13.14 -12.83 -23.67
CA ILE A 573 -11.78 -13.36 -23.78
C ILE A 573 -11.69 -14.71 -23.09
N THR A 574 -10.60 -15.42 -23.40
CA THR A 574 -10.29 -16.73 -22.83
C THR A 574 -8.97 -16.67 -22.09
N PHE A 575 -9.01 -16.95 -20.79
CA PHE A 575 -7.82 -17.06 -19.98
C PHE A 575 -7.37 -18.51 -19.89
N THR A 576 -6.07 -18.74 -20.09
CA THR A 576 -5.47 -20.06 -19.88
C THR A 576 -4.46 -20.02 -18.75
N LEU A 577 -4.66 -20.86 -17.75
CA LEU A 577 -3.66 -21.08 -16.72
C LEU A 577 -2.85 -22.31 -17.05
N SER A 578 -1.51 -22.22 -16.85
CA SER A 578 -0.59 -23.35 -17.02
C SER A 578 0.42 -23.40 -15.86
N LEU A 579 1.03 -24.57 -15.69
CA LEU A 579 2.06 -24.82 -14.70
C LEU A 579 3.17 -25.60 -15.38
N ASP A 580 4.39 -25.03 -15.39
CA ASP A 580 5.55 -25.61 -16.09
C ASP A 580 5.25 -25.87 -17.56
N GLY A 581 4.30 -25.11 -18.13
CA GLY A 581 3.95 -25.18 -19.52
C GLY A 581 2.77 -26.07 -19.81
N ALA A 582 2.47 -26.98 -18.91
CA ALA A 582 1.27 -27.82 -19.01
C ALA A 582 0.03 -26.97 -18.73
N PRO A 583 -0.92 -26.85 -19.66
CA PRO A 583 -2.13 -26.06 -19.38
C PRO A 583 -3.10 -26.87 -18.55
N PHE A 584 -3.66 -26.25 -17.49
CA PHE A 584 -4.48 -26.96 -16.52
C PHE A 584 -5.81 -26.30 -16.18
N ASN A 585 -6.17 -25.19 -16.82
CA ASN A 585 -7.41 -24.48 -16.58
C ASN A 585 -7.66 -23.51 -17.73
N GLN A 586 -8.87 -23.54 -18.27
CA GLN A 586 -9.27 -22.57 -19.27
C GLN A 586 -10.76 -22.28 -19.07
N TYR A 587 -11.20 -21.13 -19.59
CA TYR A 587 -12.60 -20.71 -19.54
C TYR A 587 -12.79 -19.36 -20.25
N TYR A 588 -14.04 -19.09 -20.63
CA TYR A 588 -14.47 -17.84 -21.25
C TYR A 588 -14.85 -16.83 -20.17
N PHE A 589 -14.60 -15.55 -20.46
CA PHE A 589 -14.81 -14.51 -19.46
C PHE A 589 -15.50 -13.30 -20.12
N ASP A 590 -16.30 -12.60 -19.33
CA ASP A 590 -17.24 -11.62 -19.87
C ASP A 590 -16.56 -10.29 -20.10
N LYS A 591 -17.05 -9.58 -21.11
CA LYS A 591 -16.66 -8.18 -21.33
C LYS A 591 -16.95 -7.37 -20.07
N THR A 592 -16.13 -6.35 -19.82
CA THR A 592 -16.35 -5.54 -18.63
C THR A 592 -16.17 -4.04 -18.83
N ILE A 593 -15.69 -3.57 -19.98
CA ILE A 593 -15.61 -2.14 -20.23
C ILE A 593 -15.83 -1.92 -21.72
N ASN A 594 -15.98 -0.66 -22.11
CA ASN A 594 -15.92 -0.23 -23.51
C ASN A 594 -14.58 0.46 -23.74
N LYS A 595 -14.15 0.46 -25.00
CA LYS A 595 -12.91 1.12 -25.34
C LYS A 595 -12.96 2.58 -24.91
N GLY A 596 -11.78 3.12 -24.53
CA GLY A 596 -11.64 4.49 -24.07
C GLY A 596 -11.99 4.71 -22.61
N ASP A 597 -12.73 3.78 -21.99
CA ASP A 597 -13.27 3.97 -20.64
C ASP A 597 -12.15 4.10 -19.62
N THR A 598 -12.38 4.97 -18.65
CA THR A 598 -11.50 5.11 -17.50
C THR A 598 -11.98 4.13 -16.44
N LEU A 599 -11.02 3.51 -15.76
CA LEU A 599 -11.23 2.30 -14.96
C LEU A 599 -11.63 2.67 -13.55
N THR A 600 -12.92 2.50 -13.23
CA THR A 600 -13.42 2.67 -11.89
C THR A 600 -13.62 1.29 -11.26
N TYR A 601 -14.19 1.25 -10.06
CA TYR A 601 -14.37 0.00 -9.32
C TYR A 601 -15.03 -1.08 -10.15
N ASN A 602 -16.20 -0.77 -10.72
CA ASN A 602 -16.98 -1.75 -11.47
C ASN A 602 -16.28 -2.22 -12.74
N SER A 603 -15.32 -1.46 -13.28
CA SER A 603 -14.54 -1.93 -14.43
C SER A 603 -14.04 -3.37 -14.23
N PHE A 604 -13.60 -3.71 -13.03
CA PHE A 604 -13.00 -5.02 -12.78
C PHE A 604 -14.04 -5.99 -12.26
N ASN A 605 -14.12 -7.13 -12.92
CA ASN A 605 -14.93 -8.27 -12.52
C ASN A 605 -14.00 -9.33 -11.93
N LEU A 606 -14.54 -10.19 -11.06
CA LEU A 606 -13.81 -11.29 -10.43
C LEU A 606 -14.55 -12.59 -10.72
N ALA A 607 -13.93 -13.52 -11.46
CA ALA A 607 -14.64 -14.66 -12.01
C ALA A 607 -13.93 -15.99 -11.76
N SER A 608 -14.70 -17.03 -11.43
CA SER A 608 -14.14 -18.35 -11.17
C SER A 608 -13.80 -19.10 -12.44
N PHE A 609 -12.80 -19.97 -12.34
CA PHE A 609 -12.55 -21.05 -13.30
C PHE A 609 -13.36 -22.29 -12.91
N SER A 610 -13.64 -23.13 -13.90
CA SER A 610 -14.48 -24.30 -13.67
C SER A 610 -13.79 -25.33 -12.79
N THR A 611 -12.51 -25.72 -13.16
CA THR A 611 -11.96 -27.00 -12.70
C THR A 611 -11.00 -26.84 -11.53
N PRO A 612 -11.19 -27.65 -10.49
CA PRO A 612 -10.17 -27.83 -9.46
C PRO A 612 -8.87 -28.37 -10.04
N PHE A 613 -7.78 -28.19 -9.28
CA PHE A 613 -6.44 -28.57 -9.73
C PHE A 613 -5.49 -28.67 -8.54
N GLU A 614 -4.34 -29.30 -8.77
CA GLU A 614 -3.26 -29.37 -7.80
C GLU A 614 -2.11 -28.46 -8.21
N LEU A 615 -1.27 -28.10 -7.24
CA LEU A 615 -0.10 -27.28 -7.53
C LEU A 615 1.15 -28.17 -7.65
N SER A 616 1.17 -28.94 -8.74
CA SER A 616 2.31 -29.78 -9.09
C SER A 616 3.16 -29.05 -10.14
N GLY A 617 3.83 -28.02 -9.66
CA GLY A 617 4.62 -27.13 -10.49
C GLY A 617 5.00 -25.91 -9.69
N ASN A 618 5.61 -24.94 -10.38
CA ASN A 618 5.83 -23.63 -9.79
C ASN A 618 5.55 -22.47 -10.72
N ASN A 619 5.55 -22.69 -12.03
CA ASN A 619 5.59 -21.60 -12.99
C ASN A 619 4.19 -21.43 -13.54
N LEU A 620 3.44 -20.55 -12.91
CA LEU A 620 2.14 -20.19 -13.41
C LEU A 620 2.32 -19.25 -14.59
N GLN A 621 1.77 -19.64 -15.74
CA GLN A 621 1.75 -18.78 -16.92
C GLN A 621 0.32 -18.49 -17.34
N ILE A 622 0.01 -17.21 -17.51
CA ILE A 622 -1.34 -16.75 -17.78
C ILE A 622 -1.39 -16.30 -19.23
N GLY A 623 -2.43 -16.72 -19.94
CA GLY A 623 -2.58 -16.36 -21.33
C GLY A 623 -3.98 -15.87 -21.62
N VAL A 624 -4.07 -15.06 -22.69
CA VAL A 624 -5.29 -14.38 -23.11
C VAL A 624 -5.52 -14.71 -24.57
N THR A 625 -6.75 -15.04 -24.94
CA THR A 625 -7.10 -15.02 -26.36
C THR A 625 -8.47 -14.39 -26.53
N GLY A 626 -8.77 -13.97 -27.74
CA GLY A 626 -10.03 -13.32 -28.04
C GLY A 626 -9.87 -11.88 -28.46
N LEU A 627 -8.67 -11.33 -28.34
CA LEU A 627 -8.47 -9.92 -28.63
C LEU A 627 -8.54 -9.68 -30.13
N SER A 628 -9.47 -8.84 -30.56
CA SER A 628 -9.34 -8.17 -31.84
C SER A 628 -8.37 -6.98 -31.68
N ALA A 629 -8.17 -6.21 -32.75
CA ALA A 629 -7.24 -5.09 -32.65
C ALA A 629 -7.90 -3.92 -31.94
N GLY A 630 -7.14 -3.27 -31.07
CA GLY A 630 -7.67 -2.23 -30.22
C GLY A 630 -8.32 -2.74 -28.97
N ASP A 631 -8.15 -4.02 -28.65
CA ASP A 631 -8.65 -4.54 -27.39
C ASP A 631 -7.60 -4.38 -26.31
N LYS A 632 -8.07 -4.31 -25.08
CA LYS A 632 -7.21 -4.32 -23.92
C LYS A 632 -7.77 -5.28 -22.88
N VAL A 633 -6.89 -6.09 -22.30
CA VAL A 633 -7.16 -6.77 -21.05
C VAL A 633 -6.25 -6.18 -19.99
N TYR A 634 -6.78 -5.99 -18.79
CA TYR A 634 -5.97 -5.62 -17.66
C TYR A 634 -6.14 -6.72 -16.64
N ILE A 635 -5.03 -7.30 -16.18
CA ILE A 635 -5.04 -8.38 -15.19
C ILE A 635 -4.44 -7.84 -13.91
N ASP A 636 -5.15 -8.00 -12.80
CA ASP A 636 -4.70 -7.49 -11.52
C ASP A 636 -4.17 -8.58 -10.60
N LYS A 637 -5.02 -9.54 -10.26
CA LYS A 637 -4.67 -10.59 -9.33
C LYS A 637 -5.23 -11.91 -9.80
N ILE A 638 -4.58 -12.97 -9.35
CA ILE A 638 -5.04 -14.33 -9.51
C ILE A 638 -5.20 -14.85 -8.10
N GLU A 639 -6.25 -15.62 -7.87
CA GLU A 639 -6.61 -16.01 -6.53
C GLU A 639 -6.62 -17.53 -6.42
N PHE A 640 -6.23 -18.06 -5.25
CA PHE A 640 -6.20 -19.50 -5.02
C PHE A 640 -7.06 -19.86 -3.83
N ILE A 641 -8.14 -20.60 -4.09
CA ILE A 641 -9.11 -21.00 -3.07
C ILE A 641 -8.83 -22.47 -2.74
N PRO A 642 -8.37 -22.79 -1.54
CA PRO A 642 -8.11 -24.19 -1.22
C PRO A 642 -9.41 -24.95 -1.04
N VAL A 643 -9.43 -26.16 -1.59
CA VAL A 643 -10.64 -26.92 -1.87
C VAL A 643 -10.46 -28.33 -1.29
N ASN A 644 -11.50 -29.17 -1.37
CA ASN A 644 -11.36 -30.60 -1.04
C ASN A 644 -11.52 -31.53 -2.29
#